data_2FOY
#
_entry.id   2FOY
#
_cell.length_a   63.219
_cell.length_b   72.608
_cell.length_c   121.949
_cell.angle_alpha   90.00
_cell.angle_beta   90.00
_cell.angle_gamma   90.00
#
_symmetry.space_group_name_H-M   'P 21 21 21'
#
loop_
_entity.id
_entity.type
_entity.pdbx_description
1 polymer 'Carbonic anhydrase 1'
2 non-polymer 'ZINC ION'
3 non-polymer "{2,2'-[(2-{[4-(AMINOSULFONYL)BENZOYL]AMINO}ETHYL)IMINO]DIACETATO(2-)-KAPPAO}COPPER"
4 water water
#
_entity_poly.entity_id   1
_entity_poly.type   'polypeptide(L)'
_entity_poly.pdbx_seq_one_letter_code
;ASPDWGYDDKNGPEQWSKLYPIANGNNQSPVDIKTSETKHDTSLKPISVSYNPATAKEIINVGHSFHVNFEDNDNRSVLK
GGPFSDSYRLFQFHFHWGSTNEHGSEHTVDGVKYSAELHVAHWNSAKYSSLAEAASKADGLAVIGVLMKVGEANPKLQKV
LDALQAIKTKGKRAPFTNFDPSTLLPSSLDFWTYPGSLTHPPLYESVTWIICKESISVSSEQLAQFRSLLSNVEGDNAVP
MQHNNRPTQPLKGRTVRASF
;
_entity_poly.pdbx_strand_id   A,B
#
# COMPACT_ATOMS: atom_id res chain seq x y z
N TRP A 5 7.79 12.91 5.83
CA TRP A 5 7.24 14.02 4.98
C TRP A 5 6.09 14.71 5.70
N GLY A 6 5.75 15.90 5.23
CA GLY A 6 4.66 16.66 5.82
C GLY A 6 4.26 17.82 4.94
N TYR A 7 3.68 18.85 5.56
CA TYR A 7 3.27 20.03 4.81
C TYR A 7 4.04 21.24 5.32
N ASP A 8 4.99 20.98 6.21
CA ASP A 8 5.82 22.04 6.77
C ASP A 8 6.87 22.51 5.77
N ASP A 9 7.61 23.55 6.14
CA ASP A 9 8.64 24.12 5.29
C ASP A 9 9.79 23.16 4.98
N LYS A 10 10.24 22.41 5.98
CA LYS A 10 11.34 21.48 5.80
C LYS A 10 11.00 20.21 5.03
N ASN A 11 9.86 19.60 5.34
CA ASN A 11 9.47 18.38 4.65
C ASN A 11 8.19 18.54 3.83
N GLY A 12 7.93 19.75 3.36
CA GLY A 12 6.73 20.01 2.59
C GLY A 12 6.78 19.66 1.11
N PRO A 13 5.65 19.84 0.40
CA PRO A 13 5.48 19.55 -1.01
C PRO A 13 6.66 19.94 -1.91
N GLU A 14 7.22 21.13 -1.70
CA GLU A 14 8.34 21.61 -2.49
C GLU A 14 9.61 20.76 -2.35
N GLN A 15 9.66 19.95 -1.30
CA GLN A 15 10.83 19.13 -1.03
C GLN A 15 10.59 17.62 -1.21
N TRP A 16 9.34 17.25 -1.46
CA TRP A 16 9.00 15.83 -1.63
C TRP A 16 9.81 15.09 -2.69
N SER A 17 10.22 15.79 -3.75
CA SER A 17 10.97 15.16 -4.83
C SER A 17 12.26 14.47 -4.37
N LYS A 18 12.83 14.95 -3.26
CA LYS A 18 14.07 14.36 -2.74
C LYS A 18 13.89 12.89 -2.38
N LEU A 19 12.80 12.57 -1.69
CA LEU A 19 12.53 11.20 -1.29
C LEU A 19 11.63 10.46 -2.28
N TYR A 20 10.77 11.21 -2.98
CA TYR A 20 9.87 10.62 -3.97
C TYR A 20 10.02 11.31 -5.32
N PRO A 21 10.98 10.85 -6.12
CA PRO A 21 11.28 11.41 -7.45
C PRO A 21 10.07 11.58 -8.38
N ILE A 22 9.06 10.72 -8.23
CA ILE A 22 7.88 10.79 -9.08
C ILE A 22 7.10 12.11 -8.90
N ALA A 23 7.46 12.86 -7.85
CA ALA A 23 6.79 14.13 -7.58
C ALA A 23 6.92 15.09 -8.76
N ASN A 24 7.91 14.86 -9.60
CA ASN A 24 8.13 15.69 -10.79
C ASN A 24 7.71 14.94 -12.05
N GLY A 25 6.79 13.98 -11.88
CA GLY A 25 6.31 13.20 -13.01
C GLY A 25 5.42 13.95 -13.99
N ASN A 26 4.90 13.24 -14.98
CA ASN A 26 4.05 13.85 -15.99
C ASN A 26 2.55 13.61 -15.77
N ASN A 27 2.21 12.97 -14.65
CA ASN A 27 0.81 12.68 -14.33
C ASN A 27 0.51 13.02 -12.86
N GLN A 28 1.09 14.11 -12.37
CA GLN A 28 0.90 14.52 -10.98
C GLN A 28 -0.36 15.37 -10.72
N SER A 29 -0.89 15.25 -9.51
CA SER A 29 -2.09 15.98 -9.08
C SER A 29 -1.81 16.74 -7.78
N PRO A 30 -2.61 17.77 -7.48
CA PRO A 30 -3.74 18.30 -8.25
C PRO A 30 -3.27 19.22 -9.37
N VAL A 31 -4.23 19.75 -10.13
CA VAL A 31 -3.92 20.66 -11.24
C VAL A 31 -4.95 21.79 -11.27
N ASP A 32 -4.67 22.80 -12.09
CA ASP A 32 -5.58 23.91 -12.27
C ASP A 32 -6.36 23.60 -13.53
N ILE A 33 -7.69 23.62 -13.43
CA ILE A 33 -8.53 23.31 -14.57
C ILE A 33 -8.91 24.60 -15.31
N LYS A 34 -8.37 24.78 -16.51
CA LYS A 34 -8.67 25.95 -17.33
C LYS A 34 -9.82 25.55 -18.27
N THR A 35 -11.02 26.04 -17.96
CA THR A 35 -12.22 25.71 -18.72
C THR A 35 -12.18 25.99 -20.23
N SER A 36 -11.32 26.89 -20.67
CA SER A 36 -11.24 27.20 -22.10
C SER A 36 -10.41 26.14 -22.82
N GLU A 37 -9.68 25.32 -22.07
CA GLU A 37 -8.84 24.28 -22.64
C GLU A 37 -9.40 22.87 -22.46
N THR A 38 -10.54 22.74 -21.79
CA THR A 38 -11.13 21.43 -21.58
C THR A 38 -11.79 20.91 -22.85
N LYS A 39 -11.71 19.60 -23.07
CA LYS A 39 -12.27 19.00 -24.26
C LYS A 39 -13.54 18.20 -23.94
N HIS A 40 -14.66 18.62 -24.52
CA HIS A 40 -15.92 17.93 -24.30
C HIS A 40 -15.84 16.54 -24.92
N ASP A 41 -16.45 15.56 -24.26
CA ASP A 41 -16.42 14.19 -24.75
C ASP A 41 -17.80 13.54 -24.65
N THR A 42 -18.37 13.18 -25.79
CA THR A 42 -19.68 12.54 -25.84
C THR A 42 -19.59 11.06 -25.48
N SER A 43 -18.36 10.59 -25.28
CA SER A 43 -18.12 9.20 -24.93
C SER A 43 -18.33 9.00 -23.43
N LEU A 44 -18.29 10.10 -22.69
CA LEU A 44 -18.46 10.07 -21.24
C LEU A 44 -19.91 9.86 -20.83
N LYS A 45 -20.14 8.90 -19.94
CA LYS A 45 -21.47 8.62 -19.44
C LYS A 45 -21.64 9.27 -18.07
N PRO A 46 -22.89 9.38 -17.60
CA PRO A 46 -23.12 10.00 -16.28
C PRO A 46 -22.47 9.18 -15.17
N ILE A 47 -22.10 9.84 -14.08
CA ILE A 47 -21.50 9.15 -12.94
C ILE A 47 -22.61 8.51 -12.13
N SER A 48 -22.36 7.28 -11.67
CA SER A 48 -23.35 6.55 -10.89
C SER A 48 -22.73 6.02 -9.59
N VAL A 49 -23.25 6.47 -8.46
CA VAL A 49 -22.75 6.01 -7.17
C VAL A 49 -23.85 5.30 -6.39
N SER A 50 -23.50 4.18 -5.78
CA SER A 50 -24.44 3.39 -4.99
C SER A 50 -23.67 2.85 -3.78
N TYR A 51 -23.82 3.53 -2.63
CA TYR A 51 -23.12 3.12 -1.42
C TYR A 51 -24.07 2.56 -0.36
N ASN A 52 -23.59 1.57 0.39
CA ASN A 52 -24.37 0.95 1.45
C ASN A 52 -23.86 1.51 2.78
N PRO A 53 -24.74 2.17 3.55
CA PRO A 53 -24.33 2.75 4.83
C PRO A 53 -23.69 1.75 5.81
N ALA A 54 -23.98 0.48 5.62
CA ALA A 54 -23.43 -0.57 6.50
C ALA A 54 -21.94 -0.81 6.28
N THR A 55 -21.38 -0.24 5.21
CA THR A 55 -19.95 -0.42 4.93
C THR A 55 -19.08 0.57 5.69
N ALA A 56 -19.67 1.62 6.25
CA ALA A 56 -18.88 2.58 7.03
C ALA A 56 -18.27 1.81 8.21
N LYS A 57 -16.99 2.04 8.48
CA LYS A 57 -16.32 1.31 9.53
C LYS A 57 -15.60 2.08 10.64
N GLU A 58 -14.67 2.96 10.28
CA GLU A 58 -13.89 3.65 11.30
C GLU A 58 -13.35 5.01 10.87
N ILE A 59 -13.12 5.89 11.84
CA ILE A 59 -12.56 7.22 11.58
C ILE A 59 -11.22 7.27 12.32
N ILE A 60 -10.18 7.74 11.63
CA ILE A 60 -8.83 7.76 12.19
C ILE A 60 -8.05 9.08 12.03
N ASN A 61 -7.33 9.48 13.07
CA ASN A 61 -6.50 10.68 13.00
C ASN A 61 -5.12 10.19 12.54
N VAL A 62 -4.70 10.60 11.36
CA VAL A 62 -3.40 10.16 10.82
C VAL A 62 -2.28 11.20 10.91
N GLY A 63 -2.40 12.15 11.83
CA GLY A 63 -1.37 13.15 11.99
C GLY A 63 -1.48 14.39 11.12
N HIS A 64 -1.59 14.19 9.81
CA HIS A 64 -1.69 15.30 8.87
C HIS A 64 -3.12 15.52 8.39
N SER A 65 -4.02 14.60 8.76
CA SER A 65 -5.42 14.69 8.35
C SER A 65 -6.18 13.62 9.14
N PHE A 66 -7.42 13.35 8.71
CA PHE A 66 -8.22 12.30 9.33
C PHE A 66 -8.94 11.59 8.19
N HIS A 67 -9.12 10.28 8.33
CA HIS A 67 -9.76 9.46 7.29
C HIS A 67 -10.95 8.67 7.83
N VAL A 68 -11.95 8.47 6.98
CA VAL A 68 -13.11 7.67 7.33
C VAL A 68 -13.01 6.47 6.39
N ASN A 69 -12.79 5.29 6.95
CA ASN A 69 -12.63 4.09 6.14
C ASN A 69 -13.86 3.19 6.07
N PHE A 70 -13.95 2.44 4.97
CA PHE A 70 -15.08 1.55 4.73
C PHE A 70 -14.65 0.10 4.50
N GLU A 71 -15.54 -0.84 4.81
CA GLU A 71 -15.26 -2.25 4.59
C GLU A 71 -15.27 -2.41 3.07
N ASP A 72 -14.26 -3.06 2.50
CA ASP A 72 -14.20 -3.23 1.06
C ASP A 72 -13.97 -4.67 0.63
N ASN A 73 -14.69 -5.60 1.26
CA ASN A 73 -14.57 -7.02 0.94
C ASN A 73 -15.48 -7.44 -0.20
N ASP A 74 -16.50 -6.64 -0.49
CA ASP A 74 -17.42 -6.92 -1.58
C ASP A 74 -17.87 -5.64 -2.28
N ASN A 75 -18.79 -5.75 -3.23
CA ASN A 75 -19.27 -4.58 -3.98
C ASN A 75 -20.55 -3.95 -3.48
N ARG A 76 -20.71 -3.85 -2.16
CA ARG A 76 -21.91 -3.23 -1.61
C ARG A 76 -21.93 -1.73 -1.90
N SER A 77 -20.74 -1.14 -2.00
CA SER A 77 -20.59 0.30 -2.27
C SER A 77 -19.69 0.50 -3.47
N VAL A 78 -20.26 0.94 -4.59
CA VAL A 78 -19.47 1.11 -5.80
C VAL A 78 -19.74 2.37 -6.62
N LEU A 79 -18.77 2.69 -7.47
CA LEU A 79 -18.81 3.83 -8.38
C LEU A 79 -18.75 3.27 -9.80
N LYS A 80 -19.63 3.77 -10.67
CA LYS A 80 -19.66 3.33 -12.07
C LYS A 80 -19.98 4.49 -13.01
N GLY A 81 -19.89 4.22 -14.31
CA GLY A 81 -20.19 5.26 -15.28
C GLY A 81 -19.02 6.17 -15.58
N GLY A 82 -19.32 7.39 -16.02
CA GLY A 82 -18.28 8.34 -16.34
C GLY A 82 -17.34 7.80 -17.41
N PRO A 83 -16.03 7.81 -17.17
CA PRO A 83 -15.06 7.32 -18.15
C PRO A 83 -14.70 5.86 -17.89
N PHE A 84 -15.40 5.23 -16.94
CA PHE A 84 -15.12 3.85 -16.56
C PHE A 84 -15.97 2.78 -17.23
N SER A 85 -15.37 1.60 -17.36
CA SER A 85 -16.05 0.45 -17.93
C SER A 85 -16.18 -0.59 -16.81
N ASP A 86 -15.28 -0.48 -15.82
CA ASP A 86 -15.28 -1.38 -14.67
C ASP A 86 -15.90 -0.64 -13.49
N SER A 87 -16.33 -1.39 -12.48
CA SER A 87 -16.91 -0.78 -11.29
C SER A 87 -15.79 -0.61 -10.26
N TYR A 88 -15.79 0.51 -9.56
CA TYR A 88 -14.78 0.77 -8.54
C TYR A 88 -15.40 0.67 -7.15
N ARG A 89 -14.65 0.08 -6.23
CA ARG A 89 -15.11 -0.13 -4.87
C ARG A 89 -14.67 0.95 -3.89
N LEU A 90 -15.64 1.54 -3.19
CA LEU A 90 -15.38 2.59 -2.20
C LEU A 90 -14.53 2.06 -1.06
N PHE A 91 -13.55 2.84 -0.60
CA PHE A 91 -12.74 2.42 0.54
C PHE A 91 -12.46 3.52 1.56
N GLN A 92 -12.62 4.79 1.17
CA GLN A 92 -12.33 5.89 2.08
C GLN A 92 -12.74 7.26 1.55
N PHE A 93 -12.90 8.22 2.47
CA PHE A 93 -13.15 9.61 2.10
C PHE A 93 -12.45 10.47 3.16
N HIS A 94 -12.00 11.65 2.74
CA HIS A 94 -11.30 12.58 3.64
C HIS A 94 -11.37 13.97 3.04
N PHE A 95 -10.76 14.95 3.72
CA PHE A 95 -10.77 16.33 3.24
C PHE A 95 -9.37 16.95 3.26
N HIS A 96 -9.24 18.10 2.59
CA HIS A 96 -8.02 18.89 2.58
C HIS A 96 -8.50 20.31 2.88
N TRP A 97 -7.68 21.09 3.58
CA TRP A 97 -8.02 22.47 3.95
C TRP A 97 -6.76 23.33 4.10
N GLY A 98 -6.95 24.63 4.26
CA GLY A 98 -5.83 25.56 4.40
C GLY A 98 -5.83 26.29 5.73
N SER A 99 -4.83 27.13 5.96
CA SER A 99 -4.72 27.87 7.22
C SER A 99 -5.79 28.94 7.44
N THR A 100 -6.35 29.46 6.35
CA THR A 100 -7.42 30.46 6.42
C THR A 100 -8.41 30.18 5.30
N ASN A 101 -9.55 30.86 5.32
CA ASN A 101 -10.59 30.66 4.31
C ASN A 101 -10.13 30.93 2.88
N GLU A 102 -9.07 31.71 2.75
CA GLU A 102 -8.54 32.09 1.44
C GLU A 102 -8.04 30.94 0.56
N HIS A 103 -7.57 29.85 1.17
CA HIS A 103 -7.08 28.71 0.40
C HIS A 103 -7.47 27.43 1.12
N GLY A 104 -7.12 26.29 0.53
CA GLY A 104 -7.45 25.04 1.17
C GLY A 104 -7.69 23.91 0.18
N SER A 105 -8.36 24.20 -0.93
CA SER A 105 -8.62 23.15 -1.90
C SER A 105 -7.32 22.76 -2.59
N GLU A 106 -7.30 21.58 -3.18
CA GLU A 106 -6.12 21.11 -3.89
C GLU A 106 -6.27 21.51 -5.35
N HIS A 107 -7.38 21.12 -5.97
CA HIS A 107 -7.62 21.50 -7.35
C HIS A 107 -8.13 22.95 -7.35
N THR A 108 -7.91 23.64 -8.47
CA THR A 108 -8.39 25.01 -8.63
C THR A 108 -9.06 25.07 -9.99
N VAL A 109 -10.01 26.00 -10.15
CA VAL A 109 -10.71 26.15 -11.41
C VAL A 109 -10.50 27.56 -11.95
N ASP A 110 -9.82 27.65 -13.09
CA ASP A 110 -9.50 28.92 -13.70
C ASP A 110 -8.73 29.81 -12.71
N GLY A 111 -7.85 29.16 -11.95
CA GLY A 111 -7.03 29.88 -10.98
C GLY A 111 -7.66 30.16 -9.63
N VAL A 112 -8.96 29.91 -9.50
CA VAL A 112 -9.67 30.17 -8.26
C VAL A 112 -9.48 29.06 -7.23
N LYS A 113 -9.06 29.44 -6.03
CA LYS A 113 -8.85 28.51 -4.94
C LYS A 113 -10.06 28.55 -4.01
N TYR A 114 -10.45 27.39 -3.50
CA TYR A 114 -11.57 27.30 -2.58
C TYR A 114 -11.05 26.97 -1.17
N SER A 115 -11.93 27.01 -0.16
CA SER A 115 -11.53 26.78 1.23
C SER A 115 -11.17 25.36 1.63
N ALA A 116 -11.75 24.38 0.94
CA ALA A 116 -11.47 22.98 1.24
C ALA A 116 -11.87 22.09 0.07
N GLU A 117 -11.56 20.80 0.18
CA GLU A 117 -11.89 19.86 -0.87
C GLU A 117 -12.16 18.48 -0.27
N LEU A 118 -13.21 17.82 -0.77
CA LEU A 118 -13.60 16.48 -0.31
C LEU A 118 -13.12 15.47 -1.35
N HIS A 119 -12.52 14.38 -0.88
CA HIS A 119 -12.04 13.32 -1.75
C HIS A 119 -12.71 11.99 -1.37
N VAL A 120 -13.32 11.32 -2.34
CA VAL A 120 -13.96 10.02 -2.09
C VAL A 120 -13.19 9.04 -2.99
N ALA A 121 -12.43 8.15 -2.36
CA ALA A 121 -11.57 7.21 -3.08
C ALA A 121 -12.10 5.79 -3.27
N HIS A 122 -11.81 5.20 -4.43
CA HIS A 122 -12.24 3.85 -4.78
C HIS A 122 -11.12 3.09 -5.50
N TRP A 123 -11.19 1.76 -5.52
CA TRP A 123 -10.19 0.97 -6.24
C TRP A 123 -10.85 -0.02 -7.20
N ASN A 124 -10.15 -0.34 -8.29
CA ASN A 124 -10.66 -1.23 -9.33
C ASN A 124 -10.74 -2.70 -8.92
N SER A 125 -11.92 -3.12 -8.47
CA SER A 125 -12.15 -4.49 -8.04
C SER A 125 -12.51 -5.43 -9.18
N ALA A 126 -12.68 -4.88 -10.38
CA ALA A 126 -13.01 -5.71 -11.54
C ALA A 126 -11.74 -6.30 -12.11
N LYS A 127 -10.63 -5.59 -11.98
CA LYS A 127 -9.34 -6.04 -12.50
C LYS A 127 -8.36 -6.50 -11.42
N TYR A 128 -8.50 -5.96 -10.21
CA TYR A 128 -7.59 -6.32 -9.13
C TYR A 128 -8.27 -6.95 -7.92
N SER A 129 -7.46 -7.56 -7.04
CA SER A 129 -7.97 -8.26 -5.87
C SER A 129 -7.94 -7.48 -4.56
N SER A 130 -7.18 -6.39 -4.51
CA SER A 130 -7.11 -5.59 -3.28
C SER A 130 -6.60 -4.19 -3.55
N LEU A 131 -6.71 -3.33 -2.54
CA LEU A 131 -6.25 -1.95 -2.64
C LEU A 131 -4.75 -1.89 -2.86
N ALA A 132 -4.00 -2.70 -2.11
CA ALA A 132 -2.55 -2.74 -2.22
C ALA A 132 -2.07 -3.04 -3.63
N GLU A 133 -2.75 -3.96 -4.30
CA GLU A 133 -2.38 -4.31 -5.67
C GLU A 133 -2.73 -3.19 -6.64
N ALA A 134 -3.95 -2.66 -6.50
CA ALA A 134 -4.44 -1.61 -7.38
C ALA A 134 -3.76 -0.24 -7.26
N ALA A 135 -3.33 0.13 -6.06
CA ALA A 135 -2.70 1.43 -5.81
C ALA A 135 -1.57 1.84 -6.75
N SER A 136 -0.87 0.88 -7.33
CA SER A 136 0.24 1.22 -8.22
C SER A 136 -0.07 1.07 -9.71
N LYS A 137 -1.29 0.63 -10.03
CA LYS A 137 -1.71 0.44 -11.42
C LYS A 137 -2.25 1.73 -12.01
N ALA A 138 -1.98 1.96 -13.30
CA ALA A 138 -2.45 3.18 -13.97
C ALA A 138 -3.97 3.34 -13.90
N ASP A 139 -4.69 2.21 -13.93
CA ASP A 139 -6.15 2.24 -13.88
C ASP A 139 -6.66 1.66 -12.57
N GLY A 140 -5.82 1.71 -11.54
CA GLY A 140 -6.19 1.14 -10.25
C GLY A 140 -7.11 1.92 -9.32
N LEU A 141 -7.03 3.25 -9.33
CA LEU A 141 -7.85 4.06 -8.42
C LEU A 141 -8.74 5.10 -9.11
N ALA A 142 -9.81 5.47 -8.42
CA ALA A 142 -10.74 6.49 -8.92
C ALA A 142 -11.13 7.36 -7.73
N VAL A 143 -10.89 8.67 -7.83
CA VAL A 143 -11.24 9.56 -6.74
C VAL A 143 -12.11 10.70 -7.22
N ILE A 144 -13.20 10.92 -6.49
CA ILE A 144 -14.12 12.01 -6.80
C ILE A 144 -13.68 13.20 -5.94
N GLY A 145 -13.54 14.36 -6.58
CA GLY A 145 -13.14 15.56 -5.85
C GLY A 145 -14.25 16.60 -5.90
N VAL A 146 -14.60 17.16 -4.75
CA VAL A 146 -15.64 18.18 -4.66
C VAL A 146 -15.08 19.43 -3.98
N LEU A 147 -15.18 20.57 -4.66
CA LEU A 147 -14.68 21.83 -4.10
C LEU A 147 -15.65 22.34 -3.05
N MET A 148 -15.11 22.84 -1.94
CA MET A 148 -15.93 23.35 -0.84
C MET A 148 -15.74 24.86 -0.70
N LYS A 149 -16.83 25.59 -0.95
CA LYS A 149 -16.84 27.06 -0.91
C LYS A 149 -17.38 27.56 0.42
N VAL A 150 -16.62 28.41 1.10
CA VAL A 150 -17.06 28.93 2.38
C VAL A 150 -18.38 29.71 2.24
N GLY A 151 -19.31 29.42 3.13
CA GLY A 151 -20.62 30.06 3.12
C GLY A 151 -21.50 29.54 4.24
N GLU A 152 -22.71 29.12 3.91
CA GLU A 152 -23.62 28.60 4.94
C GLU A 152 -23.16 27.25 5.47
N ALA A 153 -23.52 26.97 6.73
CA ALA A 153 -23.16 25.71 7.36
C ALA A 153 -23.79 24.55 6.60
N ASN A 154 -23.02 23.48 6.42
CA ASN A 154 -23.49 22.30 5.69
C ASN A 154 -23.92 21.24 6.70
N PRO A 155 -25.24 21.03 6.87
CA PRO A 155 -25.71 20.03 7.82
C PRO A 155 -25.28 18.59 7.53
N LYS A 156 -25.01 18.29 6.26
CA LYS A 156 -24.59 16.95 5.88
C LYS A 156 -23.23 16.55 6.46
N LEU A 157 -22.48 17.54 6.94
CA LEU A 157 -21.17 17.28 7.53
C LEU A 157 -21.27 17.02 9.04
N GLN A 158 -22.48 17.09 9.57
CA GLN A 158 -22.71 16.93 11.01
C GLN A 158 -22.15 15.68 11.69
N LYS A 159 -22.46 14.51 11.17
CA LYS A 159 -21.98 13.28 11.80
C LYS A 159 -20.45 13.25 11.80
N VAL A 160 -19.85 13.67 10.69
CA VAL A 160 -18.40 13.67 10.59
C VAL A 160 -17.76 14.61 11.61
N LEU A 161 -18.27 15.84 11.67
CA LEU A 161 -17.74 16.84 12.59
C LEU A 161 -17.90 16.44 14.07
N ASP A 162 -19.06 15.87 14.40
CA ASP A 162 -19.30 15.46 15.78
C ASP A 162 -18.40 14.31 16.22
N ALA A 163 -17.82 13.61 15.26
CA ALA A 163 -16.96 12.48 15.59
C ALA A 163 -15.52 12.85 15.91
N LEU A 164 -15.09 14.03 15.48
CA LEU A 164 -13.71 14.46 15.71
C LEU A 164 -13.29 14.55 17.18
N GLN A 165 -14.21 14.89 18.07
CA GLN A 165 -13.84 14.99 19.48
C GLN A 165 -13.34 13.68 20.08
N ALA A 166 -13.57 12.57 19.38
CA ALA A 166 -13.14 11.26 19.86
C ALA A 166 -11.78 10.84 19.30
N ILE A 167 -11.26 11.60 18.33
CA ILE A 167 -9.97 11.30 17.72
C ILE A 167 -9.14 12.58 17.58
N LYS A 168 -9.07 13.36 18.65
CA LYS A 168 -8.34 14.62 18.61
C LYS A 168 -6.85 14.56 18.32
N THR A 169 -6.17 13.54 18.84
CA THR A 169 -4.73 13.45 18.62
C THR A 169 -4.29 12.30 17.71
N LYS A 170 -3.08 12.42 17.19
CA LYS A 170 -2.52 11.44 16.26
C LYS A 170 -2.57 9.99 16.71
N GLY A 171 -3.10 9.14 15.83
CA GLY A 171 -3.18 7.73 16.16
C GLY A 171 -4.52 7.27 16.71
N LYS A 172 -5.31 8.17 17.26
CA LYS A 172 -6.60 7.78 17.82
C LYS A 172 -7.58 7.38 16.71
N ARG A 173 -8.43 6.41 17.02
CA ARG A 173 -9.41 5.93 16.07
C ARG A 173 -10.65 5.48 16.81
N ALA A 174 -11.79 5.50 16.11
CA ALA A 174 -13.05 5.11 16.71
C ALA A 174 -14.04 4.58 15.68
N PRO A 175 -15.02 3.80 16.14
CA PRO A 175 -16.01 3.27 15.18
C PRO A 175 -16.80 4.41 14.54
N PHE A 176 -17.05 4.29 13.24
CA PHE A 176 -17.83 5.28 12.49
C PHE A 176 -18.70 4.45 11.58
N THR A 177 -19.96 4.26 11.97
CA THR A 177 -20.88 3.41 11.22
C THR A 177 -22.17 4.04 10.72
N ASN A 178 -22.86 3.28 9.87
CA ASN A 178 -24.14 3.67 9.29
C ASN A 178 -24.10 5.06 8.66
N PHE A 179 -23.25 5.21 7.63
CA PHE A 179 -23.12 6.49 6.93
C PHE A 179 -22.87 6.28 5.43
N ASP A 180 -23.66 6.99 4.61
CA ASP A 180 -23.56 6.92 3.14
C ASP A 180 -22.96 8.24 2.64
N PRO A 181 -21.67 8.22 2.25
CA PRO A 181 -21.02 9.44 1.76
C PRO A 181 -21.56 10.09 0.49
N SER A 182 -22.52 9.46 -0.18
CA SER A 182 -23.09 10.06 -1.40
C SER A 182 -23.95 11.26 -1.00
N THR A 183 -24.24 11.36 0.29
CA THR A 183 -25.04 12.47 0.82
C THR A 183 -24.20 13.75 0.89
N LEU A 184 -22.88 13.60 0.71
CA LEU A 184 -21.96 14.74 0.76
C LEU A 184 -21.71 15.34 -0.63
N LEU A 185 -22.08 14.61 -1.67
CA LEU A 185 -21.88 15.08 -3.04
C LEU A 185 -22.92 16.14 -3.44
N PRO A 186 -22.57 16.98 -4.42
CA PRO A 186 -23.51 18.03 -4.88
C PRO A 186 -24.70 17.43 -5.63
N SER A 187 -25.76 18.23 -5.78
CA SER A 187 -26.96 17.78 -6.47
C SER A 187 -26.69 17.40 -7.93
N SER A 188 -25.83 18.17 -8.60
CA SER A 188 -25.49 17.88 -9.98
C SER A 188 -24.16 17.14 -10.01
N LEU A 189 -24.07 16.09 -10.82
CA LEU A 189 -22.83 15.34 -10.90
C LEU A 189 -22.04 15.56 -12.19
N ASP A 190 -22.22 16.72 -12.84
CA ASP A 190 -21.46 17.03 -14.05
C ASP A 190 -20.00 17.08 -13.58
N PHE A 191 -19.07 16.68 -14.44
CA PHE A 191 -17.67 16.62 -14.02
C PHE A 191 -16.60 16.84 -15.08
N TRP A 192 -15.36 16.93 -14.60
CA TRP A 192 -14.16 17.04 -15.41
C TRP A 192 -13.40 15.79 -15.03
N THR A 193 -12.61 15.25 -15.94
CA THR A 193 -11.82 14.05 -15.64
C THR A 193 -10.46 14.10 -16.34
N TYR A 194 -9.43 13.62 -15.65
CA TYR A 194 -8.09 13.59 -16.21
C TYR A 194 -7.27 12.54 -15.46
N PRO A 195 -6.20 12.02 -16.10
CA PRO A 195 -5.34 11.01 -15.49
C PRO A 195 -4.32 11.67 -14.57
N GLY A 196 -4.37 11.33 -13.28
CA GLY A 196 -3.48 11.94 -12.32
C GLY A 196 -2.83 11.02 -11.29
N SER A 197 -2.62 11.54 -10.09
CA SER A 197 -1.97 10.77 -9.03
C SER A 197 -2.49 11.02 -7.63
N LEU A 198 -1.89 10.31 -6.67
CA LEU A 198 -2.20 10.49 -5.27
C LEU A 198 -1.60 11.86 -4.97
N THR A 199 -2.24 12.65 -4.11
CA THR A 199 -1.71 13.99 -3.81
C THR A 199 -0.72 14.08 -2.65
N HIS A 200 -0.35 12.94 -2.08
CA HIS A 200 0.67 12.91 -1.02
C HIS A 200 1.41 11.57 -1.18
N PRO A 201 2.65 11.49 -0.68
CA PRO A 201 3.46 10.27 -0.76
C PRO A 201 2.66 8.97 -0.59
N PRO A 202 2.95 7.94 -1.39
CA PRO A 202 3.97 7.81 -2.44
C PRO A 202 3.72 8.52 -3.77
N LEU A 203 2.62 9.26 -3.89
CA LEU A 203 2.34 10.01 -5.11
C LEU A 203 2.19 9.16 -6.37
N TYR A 204 1.72 7.92 -6.26
CA TYR A 204 1.56 7.06 -7.43
C TYR A 204 0.63 7.65 -8.48
N GLU A 205 1.03 7.53 -9.75
CA GLU A 205 0.23 8.04 -10.85
C GLU A 205 -0.73 6.93 -11.29
N SER A 206 -1.69 6.66 -10.41
CA SER A 206 -2.67 5.60 -10.59
C SER A 206 -4.11 6.07 -10.42
N VAL A 207 -4.33 7.37 -10.44
CA VAL A 207 -5.67 7.90 -10.20
C VAL A 207 -6.40 8.55 -11.38
N THR A 208 -7.63 8.11 -11.61
CA THR A 208 -8.46 8.72 -12.65
C THR A 208 -9.29 9.69 -11.80
N TRP A 209 -9.11 10.99 -12.00
CA TRP A 209 -9.85 11.97 -11.22
C TRP A 209 -11.20 12.36 -11.80
N ILE A 210 -12.17 12.54 -10.92
CA ILE A 210 -13.51 12.96 -11.29
C ILE A 210 -13.76 14.22 -10.43
N ILE A 211 -13.64 15.40 -11.04
CA ILE A 211 -13.84 16.66 -10.32
C ILE A 211 -15.22 17.23 -10.63
N CYS A 212 -16.03 17.43 -9.59
CA CYS A 212 -17.38 17.96 -9.80
C CYS A 212 -17.37 19.45 -10.15
N LYS A 213 -18.27 19.84 -11.05
CA LYS A 213 -18.40 21.22 -11.49
C LYS A 213 -19.05 22.07 -10.38
N GLU A 214 -20.05 21.49 -9.74
CA GLU A 214 -20.78 22.17 -8.66
C GLU A 214 -20.06 21.98 -7.33
N SER A 215 -20.00 23.06 -6.55
CA SER A 215 -19.34 23.00 -5.25
C SER A 215 -20.37 22.72 -4.17
N ILE A 216 -19.89 22.46 -2.96
CA ILE A 216 -20.77 22.25 -1.81
C ILE A 216 -20.31 23.30 -0.81
N SER A 217 -21.17 23.65 0.14
CA SER A 217 -20.80 24.67 1.12
C SER A 217 -20.17 24.11 2.39
N VAL A 218 -19.61 25.03 3.18
CA VAL A 218 -18.99 24.74 4.46
C VAL A 218 -18.86 26.10 5.15
N SER A 219 -19.15 26.17 6.45
CA SER A 219 -19.05 27.45 7.15
C SER A 219 -17.66 27.72 7.70
N SER A 220 -17.40 28.97 8.09
CA SER A 220 -16.10 29.34 8.63
C SER A 220 -15.84 28.56 9.92
N GLU A 221 -16.90 28.31 10.68
CA GLU A 221 -16.79 27.57 11.93
C GLU A 221 -16.55 26.08 11.71
N GLN A 222 -17.13 25.51 10.66
CA GLN A 222 -16.91 24.09 10.37
C GLN A 222 -15.45 23.91 9.96
N LEU A 223 -14.92 24.84 9.17
CA LEU A 223 -13.52 24.77 8.77
C LEU A 223 -12.63 24.85 10.00
N ALA A 224 -13.05 25.66 10.98
CA ALA A 224 -12.27 25.80 12.21
C ALA A 224 -12.18 24.47 12.95
N GLN A 225 -13.21 23.64 12.81
CA GLN A 225 -13.21 22.33 13.45
C GLN A 225 -12.13 21.43 12.85
N PHE A 226 -11.94 21.49 11.52
CA PHE A 226 -10.89 20.70 10.89
C PHE A 226 -9.52 21.16 11.42
N ARG A 227 -9.33 22.47 11.42
CA ARG A 227 -8.07 23.05 11.87
C ARG A 227 -7.75 22.85 13.35
N SER A 228 -8.75 22.49 14.15
CA SER A 228 -8.52 22.28 15.59
C SER A 228 -8.08 20.86 15.90
N LEU A 229 -8.09 19.98 14.90
CA LEU A 229 -7.62 18.60 15.11
C LEU A 229 -6.12 18.74 15.42
N LEU A 230 -5.58 17.83 16.22
CA LEU A 230 -4.17 17.91 16.59
C LEU A 230 -3.28 16.90 15.90
N SER A 231 -2.10 17.34 15.50
CA SER A 231 -1.13 16.48 14.80
C SER A 231 -0.17 15.75 15.73
N ASN A 232 -0.16 16.13 17.00
CA ASN A 232 0.72 15.52 18.00
C ASN A 232 0.01 14.34 18.67
N VAL A 233 0.77 13.52 19.39
CA VAL A 233 0.19 12.39 20.10
C VAL A 233 -0.26 12.87 21.47
N GLU A 234 -1.21 12.15 22.07
CA GLU A 234 -1.71 12.52 23.38
C GLU A 234 -0.61 12.75 24.41
N GLY A 235 -0.71 13.84 25.16
CA GLY A 235 0.29 14.15 26.18
C GLY A 235 1.24 15.27 25.81
N ASP A 236 1.63 15.34 24.55
CA ASP A 236 2.55 16.38 24.07
C ASP A 236 1.82 17.71 23.91
N ASN A 237 2.60 18.79 23.77
CA ASN A 237 2.01 20.11 23.59
C ASN A 237 1.17 20.05 22.32
N ALA A 238 -0.01 20.64 22.36
CA ALA A 238 -0.93 20.64 21.23
C ALA A 238 -0.42 21.40 20.01
N VAL A 239 -0.51 20.76 18.85
CA VAL A 239 -0.10 21.38 17.60
C VAL A 239 -1.21 21.18 16.58
N PRO A 240 -2.06 22.21 16.38
CA PRO A 240 -3.18 22.13 15.44
C PRO A 240 -2.81 21.77 14.00
N MET A 241 -3.73 21.10 13.30
CA MET A 241 -3.56 20.71 11.90
C MET A 241 -3.95 21.92 11.06
N GLN A 242 -3.00 22.83 10.83
CA GLN A 242 -3.27 24.06 10.09
C GLN A 242 -3.62 23.95 8.61
N HIS A 243 -2.93 23.08 7.89
CA HIS A 243 -3.18 22.91 6.45
C HIS A 243 -2.62 21.59 5.94
N ASN A 244 -3.19 21.09 4.85
CA ASN A 244 -2.74 19.83 4.28
C ASN A 244 -3.03 19.71 2.78
N ASN A 245 -2.97 20.83 2.07
CA ASN A 245 -3.21 20.82 0.63
C ASN A 245 -1.92 20.99 -0.17
N ARG A 246 -1.79 20.21 -1.24
CA ARG A 246 -0.62 20.28 -2.13
C ARG A 246 -0.89 21.30 -3.24
N PRO A 247 0.15 22.07 -3.63
CA PRO A 247 0.02 23.06 -4.70
C PRO A 247 -0.31 22.37 -6.02
N THR A 248 -0.90 23.09 -6.97
CA THR A 248 -1.22 22.49 -8.27
C THR A 248 0.06 22.21 -9.05
N GLN A 249 0.03 21.15 -9.86
CA GLN A 249 1.19 20.72 -10.63
C GLN A 249 1.01 20.89 -12.14
N PRO A 250 2.12 20.91 -12.90
CA PRO A 250 2.11 21.07 -14.35
C PRO A 250 1.29 20.02 -15.09
N LEU A 251 0.45 20.46 -16.02
CA LEU A 251 -0.40 19.57 -16.79
C LEU A 251 0.44 18.67 -17.70
N LYS A 252 1.56 19.21 -18.17
CA LYS A 252 2.48 18.46 -19.02
C LYS A 252 1.83 17.78 -20.23
N GLY A 253 0.94 18.50 -20.91
CA GLY A 253 0.30 17.94 -22.09
C GLY A 253 -0.97 17.13 -21.89
N ARG A 254 -1.35 16.86 -20.65
CA ARG A 254 -2.56 16.10 -20.39
C ARG A 254 -3.79 16.89 -20.85
N THR A 255 -4.88 16.17 -21.11
CA THR A 255 -6.11 16.81 -21.55
C THR A 255 -7.21 16.58 -20.51
N VAL A 256 -7.82 17.67 -20.06
CA VAL A 256 -8.92 17.57 -19.10
C VAL A 256 -10.21 17.52 -19.91
N ARG A 257 -10.99 16.45 -19.73
CA ARG A 257 -12.24 16.29 -20.45
C ARG A 257 -13.42 16.74 -19.61
N ALA A 258 -14.46 17.24 -20.27
CA ALA A 258 -15.66 17.71 -19.59
C ALA A 258 -16.87 16.89 -20.03
N SER A 259 -17.74 16.54 -19.07
CA SER A 259 -18.93 15.75 -19.36
C SER A 259 -20.09 16.65 -19.77
N PHE A 260 -19.85 17.96 -19.72
CA PHE A 260 -20.87 18.95 -20.07
C PHE A 260 -20.39 19.93 -21.13
N ASP B 4 8.78 -0.40 -14.08
CA ASP B 4 9.88 0.62 -14.02
C ASP B 4 11.12 0.04 -13.35
N TRP B 5 10.98 -1.18 -12.82
CA TRP B 5 12.09 -1.84 -12.15
C TRP B 5 12.06 -3.34 -12.41
N GLY B 6 13.23 -3.97 -12.29
CA GLY B 6 13.35 -5.40 -12.49
C GLY B 6 14.61 -5.93 -11.82
N TYR B 7 15.06 -7.09 -12.29
CA TYR B 7 16.25 -7.72 -11.72
C TYR B 7 17.35 -7.83 -12.78
N ASP B 8 17.07 -7.28 -13.97
CA ASP B 8 18.01 -7.30 -15.07
C ASP B 8 19.08 -6.23 -14.92
N ASP B 9 19.72 -5.87 -16.02
CA ASP B 9 20.77 -4.85 -16.00
C ASP B 9 20.20 -3.45 -16.20
N LYS B 10 19.25 -3.33 -17.12
CA LYS B 10 18.61 -2.05 -17.42
C LYS B 10 18.00 -1.41 -16.18
N ASN B 11 17.18 -2.17 -15.46
CA ASN B 11 16.51 -1.67 -14.26
C ASN B 11 16.80 -2.53 -13.03
N GLY B 12 18.03 -2.99 -12.89
CA GLY B 12 18.40 -3.84 -11.77
C GLY B 12 18.57 -3.18 -10.42
N PRO B 13 18.79 -3.98 -9.36
CA PRO B 13 18.98 -3.52 -7.98
C PRO B 13 20.06 -2.44 -7.84
N GLU B 14 21.07 -2.50 -8.70
CA GLU B 14 22.17 -1.55 -8.66
C GLU B 14 21.74 -0.12 -8.93
N GLN B 15 20.66 0.05 -9.68
CA GLN B 15 20.19 1.40 -10.00
C GLN B 15 18.78 1.71 -9.51
N TRP B 16 18.26 0.90 -8.59
CA TRP B 16 16.93 1.15 -8.05
C TRP B 16 16.88 2.48 -7.30
N SER B 17 18.02 2.94 -6.82
CA SER B 17 18.09 4.20 -6.07
C SER B 17 17.63 5.42 -6.87
N LYS B 18 17.71 5.35 -8.20
CA LYS B 18 17.31 6.47 -9.03
C LYS B 18 15.82 6.79 -8.86
N LEU B 19 15.00 5.75 -8.88
CA LEU B 19 13.56 5.94 -8.73
C LEU B 19 13.13 5.80 -7.27
N TYR B 20 13.91 5.06 -6.48
CA TYR B 20 13.59 4.85 -5.07
C TYR B 20 14.85 5.11 -4.23
N PRO B 21 15.10 6.39 -3.90
CA PRO B 21 16.25 6.83 -3.10
C PRO B 21 16.49 6.06 -1.80
N ILE B 22 15.44 5.55 -1.19
CA ILE B 22 15.59 4.82 0.07
C ILE B 22 16.42 3.54 -0.11
N ALA B 23 16.68 3.17 -1.36
CA ALA B 23 17.46 1.97 -1.65
C ALA B 23 18.86 2.06 -1.04
N ASN B 24 19.33 3.29 -0.84
CA ASN B 24 20.65 3.52 -0.26
C ASN B 24 20.53 3.88 1.22
N GLY B 25 19.41 3.50 1.83
CA GLY B 25 19.16 3.78 3.23
C GLY B 25 20.03 3.02 4.22
N ASN B 26 19.78 3.23 5.51
CA ASN B 26 20.56 2.58 6.56
C ASN B 26 19.90 1.33 7.15
N ASN B 27 18.71 0.98 6.67
CA ASN B 27 18.00 -0.20 7.17
C ASN B 27 17.48 -1.07 6.04
N GLN B 28 18.32 -1.26 5.02
CA GLN B 28 17.94 -2.07 3.86
C GLN B 28 18.19 -3.56 4.02
N SER B 29 17.36 -4.36 3.34
CA SER B 29 17.44 -5.82 3.36
C SER B 29 17.55 -6.35 1.92
N PRO B 30 18.05 -7.58 1.74
CA PRO B 30 18.53 -8.53 2.76
C PRO B 30 19.93 -8.16 3.23
N VAL B 31 20.46 -8.96 4.14
CA VAL B 31 21.81 -8.75 4.68
C VAL B 31 22.49 -10.10 4.88
N ASP B 32 23.80 -10.06 5.12
CA ASP B 32 24.55 -11.28 5.40
C ASP B 32 24.59 -11.40 6.92
N ILE B 33 24.31 -12.59 7.42
CA ILE B 33 24.33 -12.80 8.85
C ILE B 33 25.67 -13.42 9.24
N LYS B 34 26.53 -12.63 9.89
CA LYS B 34 27.83 -13.09 10.35
C LYS B 34 27.62 -13.66 11.75
N THR B 35 27.60 -14.99 11.85
CA THR B 35 27.37 -15.66 13.12
C THR B 35 28.26 -15.25 14.28
N SER B 36 29.51 -14.90 13.99
CA SER B 36 30.43 -14.50 15.05
C SER B 36 30.14 -13.09 15.55
N GLU B 37 29.25 -12.40 14.85
CA GLU B 37 28.90 -11.03 15.21
C GLU B 37 27.51 -10.89 15.84
N THR B 38 26.76 -11.99 15.90
CA THR B 38 25.41 -11.94 16.47
C THR B 38 25.45 -11.88 17.99
N LYS B 39 24.41 -11.31 18.58
CA LYS B 39 24.33 -11.19 20.04
C LYS B 39 23.06 -11.84 20.56
N HIS B 40 23.20 -12.65 21.62
CA HIS B 40 22.04 -13.30 22.21
C HIS B 40 21.28 -12.33 23.10
N ASP B 41 19.97 -12.28 22.91
CA ASP B 41 19.09 -11.40 23.67
C ASP B 41 18.11 -12.25 24.46
N THR B 42 18.22 -12.23 25.79
CA THR B 42 17.36 -13.02 26.66
C THR B 42 15.88 -12.64 26.58
N SER B 43 15.58 -11.45 26.09
CA SER B 43 14.18 -11.01 26.01
C SER B 43 13.42 -11.60 24.82
N LEU B 44 14.13 -12.30 23.94
CA LEU B 44 13.48 -12.91 22.77
C LEU B 44 12.73 -14.20 23.11
N LYS B 45 11.40 -14.14 23.05
CA LYS B 45 10.57 -15.30 23.35
C LYS B 45 10.48 -16.21 22.12
N PRO B 46 9.99 -17.43 22.30
CA PRO B 46 9.88 -18.34 21.15
C PRO B 46 8.84 -17.76 20.18
N ILE B 47 8.99 -18.10 18.91
CA ILE B 47 8.05 -17.64 17.88
C ILE B 47 6.80 -18.50 17.96
N SER B 48 5.64 -17.85 17.87
CA SER B 48 4.38 -18.57 17.90
C SER B 48 3.55 -18.26 16.67
N VAL B 49 3.32 -19.27 15.84
CA VAL B 49 2.51 -19.09 14.65
C VAL B 49 1.23 -19.91 14.75
N SER B 50 0.10 -19.22 14.69
CA SER B 50 -1.20 -19.88 14.76
C SER B 50 -1.99 -19.42 13.55
N TYR B 51 -1.90 -20.17 12.47
CA TYR B 51 -2.61 -19.81 11.25
C TYR B 51 -3.86 -20.65 11.06
N ASN B 52 -4.88 -20.05 10.46
CA ASN B 52 -6.15 -20.71 10.18
C ASN B 52 -6.13 -21.03 8.68
N PRO B 53 -6.14 -22.32 8.31
CA PRO B 53 -6.12 -22.71 6.90
C PRO B 53 -7.22 -22.11 6.03
N ALA B 54 -8.32 -21.68 6.66
CA ALA B 54 -9.44 -21.10 5.93
C ALA B 54 -9.19 -19.67 5.47
N THR B 55 -8.05 -19.09 5.84
CA THR B 55 -7.75 -17.73 5.42
C THR B 55 -7.05 -17.69 4.06
N ALA B 56 -6.59 -18.85 3.58
CA ALA B 56 -5.93 -18.90 2.27
C ALA B 56 -6.95 -18.45 1.24
N LYS B 57 -6.53 -17.62 0.28
CA LYS B 57 -7.47 -17.10 -0.70
C LYS B 57 -7.16 -17.24 -2.19
N GLU B 58 -6.01 -16.71 -2.62
CA GLU B 58 -5.68 -16.71 -4.03
C GLU B 58 -4.18 -16.74 -4.33
N ILE B 59 -3.84 -17.28 -5.50
CA ILE B 59 -2.45 -17.35 -5.95
C ILE B 59 -2.39 -16.50 -7.23
N ILE B 60 -1.36 -15.67 -7.36
CA ILE B 60 -1.26 -14.77 -8.50
C ILE B 60 0.15 -14.60 -9.06
N ASN B 61 0.25 -14.45 -10.38
CA ASN B 61 1.53 -14.24 -11.06
C ASN B 61 1.69 -12.72 -11.18
N VAL B 62 2.74 -12.19 -10.56
CA VAL B 62 2.97 -10.75 -10.58
C VAL B 62 4.10 -10.30 -11.51
N GLY B 63 4.44 -11.14 -12.48
CA GLY B 63 5.48 -10.77 -13.44
C GLY B 63 6.90 -11.10 -13.05
N HIS B 64 7.31 -10.69 -11.85
CA HIS B 64 8.66 -10.97 -11.37
C HIS B 64 8.67 -12.10 -10.35
N SER B 65 7.47 -12.55 -9.96
CA SER B 65 7.35 -13.61 -8.96
C SER B 65 5.87 -14.02 -8.92
N PHE B 66 5.50 -14.82 -7.92
CA PHE B 66 4.11 -15.21 -7.73
C PHE B 66 3.87 -15.14 -6.22
N HIS B 67 2.64 -14.82 -5.84
CA HIS B 67 2.27 -14.67 -4.43
C HIS B 67 1.02 -15.48 -4.08
N VAL B 68 0.96 -15.96 -2.84
CA VAL B 68 -0.22 -16.67 -2.34
C VAL B 68 -0.75 -15.71 -1.27
N ASN B 69 -1.93 -15.14 -1.51
CA ASN B 69 -2.52 -14.18 -0.58
C ASN B 69 -3.57 -14.77 0.35
N PHE B 70 -3.69 -14.15 1.53
CA PHE B 70 -4.63 -14.59 2.56
C PHE B 70 -5.62 -13.50 2.97
N GLU B 71 -6.82 -13.92 3.36
CA GLU B 71 -7.82 -12.96 3.82
C GLU B 71 -7.25 -12.31 5.08
N ASP B 72 -7.23 -10.98 5.14
CA ASP B 72 -6.66 -10.30 6.29
C ASP B 72 -7.62 -9.29 6.93
N ASN B 73 -8.90 -9.65 6.97
CA ASN B 73 -9.92 -8.78 7.54
C ASN B 73 -10.05 -8.92 9.06
N ASP B 74 -9.50 -9.99 9.63
CA ASP B 74 -9.53 -10.21 11.08
C ASP B 74 -8.23 -10.88 11.53
N ASN B 75 -8.16 -11.27 12.80
CA ASN B 75 -6.95 -11.90 13.31
C ASN B 75 -7.00 -13.42 13.45
N ARG B 76 -7.65 -14.09 12.52
CA ARG B 76 -7.71 -15.55 12.55
C ARG B 76 -6.33 -16.19 12.41
N SER B 77 -5.45 -15.55 11.66
CA SER B 77 -4.09 -16.05 11.44
C SER B 77 -3.07 -15.01 11.88
N VAL B 78 -2.34 -15.30 12.95
CA VAL B 78 -1.37 -14.33 13.45
C VAL B 78 -0.03 -14.91 13.89
N LEU B 79 0.94 -14.01 13.96
CA LEU B 79 2.29 -14.32 14.41
C LEU B 79 2.49 -13.55 15.71
N LYS B 80 3.03 -14.21 16.72
CA LYS B 80 3.29 -13.57 18.00
C LYS B 80 4.56 -14.14 18.62
N GLY B 81 5.03 -13.51 19.70
CA GLY B 81 6.24 -13.97 20.36
C GLY B 81 7.47 -13.33 19.76
N GLY B 82 8.62 -14.00 19.91
CA GLY B 82 9.86 -13.44 19.39
C GLY B 82 10.14 -12.08 19.98
N PRO B 83 10.44 -11.08 19.14
CA PRO B 83 10.74 -9.71 19.59
C PRO B 83 9.50 -8.84 19.68
N PHE B 84 8.33 -9.45 19.47
CA PHE B 84 7.07 -8.71 19.47
C PHE B 84 6.27 -8.73 20.77
N SER B 85 5.57 -7.63 21.02
CA SER B 85 4.73 -7.48 22.20
C SER B 85 3.27 -7.67 21.77
N ASP B 86 3.01 -7.40 20.49
CA ASP B 86 1.66 -7.54 19.94
C ASP B 86 1.63 -8.51 18.77
N SER B 87 0.43 -8.82 18.30
CA SER B 87 0.27 -9.77 17.20
C SER B 87 0.31 -9.16 15.81
N TYR B 88 0.82 -9.93 14.85
CA TYR B 88 0.90 -9.51 13.46
C TYR B 88 0.03 -10.44 12.63
N ARG B 89 -0.76 -9.86 11.73
CA ARG B 89 -1.70 -10.60 10.89
C ARG B 89 -1.09 -11.09 9.57
N LEU B 90 -1.19 -12.40 9.33
CA LEU B 90 -0.67 -13.01 8.10
C LEU B 90 -1.40 -12.48 6.87
N PHE B 91 -0.66 -12.17 5.80
CA PHE B 91 -1.34 -11.73 4.59
C PHE B 91 -0.80 -12.34 3.30
N GLN B 92 0.40 -12.90 3.33
CA GLN B 92 0.95 -13.48 2.11
C GLN B 92 2.27 -14.24 2.30
N PHE B 93 2.57 -15.13 1.36
CA PHE B 93 3.87 -15.82 1.37
C PHE B 93 4.29 -15.96 -0.09
N HIS B 94 5.61 -15.97 -0.33
CA HIS B 94 6.17 -16.10 -1.67
C HIS B 94 7.60 -16.60 -1.56
N PHE B 95 8.28 -16.74 -2.70
CA PHE B 95 9.65 -17.22 -2.72
C PHE B 95 10.56 -16.34 -3.56
N HIS B 96 11.87 -16.56 -3.43
CA HIS B 96 12.90 -15.89 -4.23
C HIS B 96 13.81 -17.01 -4.69
N TRP B 97 14.35 -16.88 -5.91
CA TRP B 97 15.25 -17.89 -6.46
C TRP B 97 16.21 -17.27 -7.47
N GLY B 98 17.20 -18.05 -7.90
CA GLY B 98 18.20 -17.58 -8.86
C GLY B 98 18.17 -18.34 -10.18
N SER B 99 19.09 -18.00 -11.09
CA SER B 99 19.13 -18.64 -12.40
C SER B 99 19.63 -20.09 -12.40
N THR B 100 20.42 -20.44 -11.40
CA THR B 100 20.95 -21.80 -11.27
C THR B 100 20.90 -22.16 -9.78
N ASN B 101 21.19 -23.41 -9.44
CA ASN B 101 21.16 -23.83 -8.05
C ASN B 101 22.20 -23.13 -7.18
N GLU B 102 23.20 -22.53 -7.82
CA GLU B 102 24.29 -21.86 -7.10
C GLU B 102 23.89 -20.61 -6.31
N HIS B 103 22.77 -19.99 -6.68
CA HIS B 103 22.30 -18.79 -5.99
C HIS B 103 20.78 -18.79 -5.98
N GLY B 104 20.19 -17.85 -5.24
CA GLY B 104 18.75 -17.78 -5.20
C GLY B 104 18.22 -17.14 -3.93
N SER B 105 18.85 -17.42 -2.80
CA SER B 105 18.37 -16.83 -1.56
C SER B 105 18.70 -15.35 -1.52
N GLU B 106 18.02 -14.62 -0.64
CA GLU B 106 18.29 -13.19 -0.51
C GLU B 106 19.24 -13.03 0.67
N HIS B 107 18.87 -13.56 1.83
CA HIS B 107 19.77 -13.50 2.98
C HIS B 107 20.87 -14.54 2.80
N THR B 108 22.02 -14.32 3.43
CA THR B 108 23.13 -15.26 3.37
C THR B 108 23.64 -15.43 4.80
N VAL B 109 24.33 -16.55 5.05
CA VAL B 109 24.86 -16.81 6.38
C VAL B 109 26.36 -17.04 6.26
N ASP B 110 27.14 -16.12 6.83
CA ASP B 110 28.59 -16.18 6.77
C ASP B 110 29.07 -16.24 5.32
N GLY B 111 28.38 -15.47 4.47
CA GLY B 111 28.71 -15.39 3.06
C GLY B 111 28.19 -16.51 2.17
N VAL B 112 27.56 -17.51 2.77
CA VAL B 112 27.05 -18.64 2.00
C VAL B 112 25.63 -18.39 1.48
N LYS B 113 25.47 -18.59 0.17
CA LYS B 113 24.18 -18.39 -0.49
C LYS B 113 23.46 -19.72 -0.66
N TYR B 114 22.14 -19.69 -0.54
CA TYR B 114 21.33 -20.90 -0.72
C TYR B 114 20.61 -20.81 -2.07
N SER B 115 19.91 -21.88 -2.47
CA SER B 115 19.22 -21.92 -3.75
C SER B 115 17.93 -21.12 -3.85
N ALA B 116 17.26 -20.92 -2.73
CA ALA B 116 16.01 -20.17 -2.72
C ALA B 116 15.70 -19.71 -1.30
N GLU B 117 14.63 -18.94 -1.15
CA GLU B 117 14.22 -18.43 0.15
C GLU B 117 12.70 -18.24 0.19
N LEU B 118 12.08 -18.63 1.30
CA LEU B 118 10.64 -18.48 1.50
C LEU B 118 10.41 -17.28 2.40
N HIS B 119 9.41 -16.46 2.07
CA HIS B 119 9.06 -15.29 2.87
C HIS B 119 7.59 -15.35 3.24
N VAL B 120 7.30 -15.25 4.54
CA VAL B 120 5.92 -15.26 5.05
C VAL B 120 5.72 -13.89 5.71
N ALA B 121 4.87 -13.06 5.11
CA ALA B 121 4.64 -11.69 5.58
C ALA B 121 3.39 -11.43 6.41
N HIS B 122 3.52 -10.51 7.36
CA HIS B 122 2.43 -10.13 8.28
C HIS B 122 2.44 -8.61 8.54
N TRP B 123 1.32 -8.05 8.99
CA TRP B 123 1.27 -6.63 9.33
C TRP B 123 0.71 -6.39 10.74
N ASN B 124 1.12 -5.28 11.36
CA ASN B 124 0.72 -4.94 12.73
C ASN B 124 -0.73 -4.48 12.87
N SER B 125 -1.63 -5.43 13.13
CA SER B 125 -3.04 -5.13 13.27
C SER B 125 -3.42 -4.64 14.67
N ALA B 126 -2.44 -4.63 15.56
CA ALA B 126 -2.69 -4.17 16.94
C ALA B 126 -2.58 -2.66 17.02
N LYS B 127 -1.71 -2.08 16.20
CA LYS B 127 -1.50 -0.65 16.20
C LYS B 127 -2.07 0.04 14.96
N TYR B 128 -2.30 -0.72 13.90
CA TYR B 128 -2.84 -0.16 12.66
C TYR B 128 -4.10 -0.90 12.19
N SER B 129 -4.86 -0.27 11.31
CA SER B 129 -6.10 -0.87 10.82
C SER B 129 -6.05 -1.51 9.44
N SER B 130 -4.92 -1.37 8.73
CA SER B 130 -4.81 -1.96 7.40
C SER B 130 -3.34 -2.10 6.99
N LEU B 131 -3.12 -2.91 5.96
CA LEU B 131 -1.78 -3.12 5.43
C LEU B 131 -1.29 -1.80 4.83
N ALA B 132 -2.19 -1.10 4.15
CA ALA B 132 -1.87 0.18 3.53
C ALA B 132 -1.31 1.17 4.55
N GLU B 133 -1.91 1.20 5.74
CA GLU B 133 -1.46 2.11 6.78
C GLU B 133 -0.16 1.64 7.43
N ALA B 134 -0.06 0.35 7.68
CA ALA B 134 1.11 -0.23 8.34
C ALA B 134 2.37 -0.37 7.49
N ALA B 135 2.20 -0.52 6.19
CA ALA B 135 3.32 -0.71 5.26
C ALA B 135 4.49 0.27 5.34
N SER B 136 4.25 1.50 5.75
CA SER B 136 5.33 2.49 5.82
C SER B 136 5.80 2.78 7.25
N LYS B 137 5.19 2.12 8.22
CA LYS B 137 5.56 2.33 9.63
C LYS B 137 6.76 1.48 10.04
N ALA B 138 7.61 2.03 10.89
CA ALA B 138 8.80 1.31 11.35
C ALA B 138 8.47 -0.04 11.99
N ASP B 139 7.35 -0.10 12.70
CA ASP B 139 6.93 -1.33 13.35
C ASP B 139 5.70 -1.94 12.67
N GLY B 140 5.51 -1.59 11.41
CA GLY B 140 4.35 -2.08 10.67
C GLY B 140 4.35 -3.49 10.10
N LEU B 141 5.50 -4.00 9.69
CA LEU B 141 5.56 -5.34 9.09
C LEU B 141 6.50 -6.34 9.77
N ALA B 142 6.19 -7.62 9.60
CA ALA B 142 7.00 -8.71 10.15
C ALA B 142 7.07 -9.83 9.11
N VAL B 143 8.29 -10.20 8.71
CA VAL B 143 8.46 -11.26 7.72
C VAL B 143 9.38 -12.37 8.21
N ILE B 144 8.93 -13.61 8.06
CA ILE B 144 9.72 -14.77 8.45
C ILE B 144 10.43 -15.25 7.19
N GLY B 145 11.75 -15.44 7.28
CA GLY B 145 12.49 -15.94 6.14
C GLY B 145 13.06 -17.31 6.42
N VAL B 146 12.95 -18.21 5.44
CA VAL B 146 13.47 -19.57 5.55
C VAL B 146 14.37 -19.89 4.36
N LEU B 147 15.63 -20.24 4.63
CA LEU B 147 16.57 -20.59 3.58
C LEU B 147 16.24 -21.98 3.04
N MET B 148 16.31 -22.13 1.72
CA MET B 148 16.01 -23.38 1.05
C MET B 148 17.28 -23.95 0.40
N LYS B 149 17.69 -25.12 0.88
CA LYS B 149 18.91 -25.79 0.40
C LYS B 149 18.58 -26.92 -0.58
N VAL B 150 19.16 -26.86 -1.77
CA VAL B 150 18.91 -27.88 -2.77
C VAL B 150 19.30 -29.27 -2.28
N GLY B 151 18.43 -30.25 -2.55
CA GLY B 151 18.67 -31.61 -2.13
C GLY B 151 17.45 -32.44 -2.45
N GLU B 152 16.93 -33.15 -1.45
CA GLU B 152 15.75 -33.99 -1.67
C GLU B 152 14.50 -33.16 -1.92
N ALA B 153 13.57 -33.73 -2.70
CA ALA B 153 12.32 -33.05 -3.00
C ALA B 153 11.54 -32.82 -1.71
N ASN B 154 10.93 -31.64 -1.60
CA ASN B 154 10.15 -31.26 -0.43
C ASN B 154 8.67 -31.46 -0.76
N PRO B 155 8.03 -32.50 -0.20
CA PRO B 155 6.62 -32.76 -0.48
C PRO B 155 5.67 -31.66 0.00
N LYS B 156 6.10 -30.90 1.00
CA LYS B 156 5.29 -29.81 1.55
C LYS B 156 5.00 -28.74 0.49
N LEU B 157 5.86 -28.68 -0.53
CA LEU B 157 5.71 -27.69 -1.61
C LEU B 157 4.78 -28.11 -2.74
N GLN B 158 4.42 -29.39 -2.77
CA GLN B 158 3.58 -29.92 -3.84
C GLN B 158 2.31 -29.13 -4.16
N LYS B 159 1.52 -28.79 -3.15
CA LYS B 159 0.29 -28.03 -3.38
C LYS B 159 0.57 -26.73 -4.13
N VAL B 160 1.60 -26.00 -3.70
CA VAL B 160 1.96 -24.75 -4.34
C VAL B 160 2.43 -24.97 -5.77
N LEU B 161 3.34 -25.93 -5.95
CA LEU B 161 3.87 -26.23 -7.27
C LEU B 161 2.80 -26.68 -8.27
N ASP B 162 1.85 -27.49 -7.82
CA ASP B 162 0.78 -27.97 -8.69
C ASP B 162 -0.15 -26.85 -9.14
N ALA B 163 -0.19 -25.76 -8.38
CA ALA B 163 -1.06 -24.64 -8.72
C ALA B 163 -0.50 -23.72 -9.80
N LEU B 164 0.81 -23.79 -10.02
CA LEU B 164 1.44 -22.90 -11.00
C LEU B 164 0.96 -23.02 -12.44
N GLN B 165 0.55 -24.21 -12.86
CA GLN B 165 0.10 -24.39 -14.23
C GLN B 165 -1.13 -23.55 -14.58
N ALA B 166 -1.83 -23.04 -13.58
CA ALA B 166 -3.02 -22.24 -13.81
C ALA B 166 -2.77 -20.73 -13.80
N ILE B 167 -1.54 -20.33 -13.47
CA ILE B 167 -1.18 -18.90 -13.45
C ILE B 167 0.17 -18.71 -14.14
N LYS B 168 0.32 -19.34 -15.30
CA LYS B 168 1.58 -19.29 -16.04
C LYS B 168 2.11 -17.93 -16.48
N THR B 169 1.21 -17.03 -16.87
CA THR B 169 1.62 -15.72 -17.36
C THR B 169 1.22 -14.56 -16.46
N LYS B 170 1.89 -13.42 -16.62
CA LYS B 170 1.65 -12.24 -15.81
C LYS B 170 0.20 -11.81 -15.72
N GLY B 171 -0.27 -11.59 -14.50
CA GLY B 171 -1.63 -11.15 -14.29
C GLY B 171 -2.64 -12.25 -14.01
N LYS B 172 -2.32 -13.50 -14.36
CA LYS B 172 -3.26 -14.58 -14.11
C LYS B 172 -3.34 -14.88 -12.61
N ARG B 173 -4.52 -15.30 -12.17
CA ARG B 173 -4.74 -15.62 -10.77
C ARG B 173 -5.76 -16.75 -10.65
N ALA B 174 -5.75 -17.44 -9.51
CA ALA B 174 -6.66 -18.56 -9.30
C ALA B 174 -6.92 -18.77 -7.82
N PRO B 175 -8.05 -19.41 -7.47
CA PRO B 175 -8.33 -19.65 -6.06
C PRO B 175 -7.30 -20.61 -5.46
N PHE B 176 -6.92 -20.35 -4.22
CA PHE B 176 -5.96 -21.18 -3.49
C PHE B 176 -6.49 -21.19 -2.06
N THR B 177 -7.17 -22.28 -1.70
CA THR B 177 -7.78 -22.36 -0.38
C THR B 177 -7.33 -23.52 0.51
N ASN B 178 -7.77 -23.45 1.76
CA ASN B 178 -7.47 -24.47 2.77
C ASN B 178 -5.99 -24.84 2.80
N PHE B 179 -5.17 -23.90 3.25
CA PHE B 179 -3.72 -24.13 3.34
C PHE B 179 -3.11 -23.38 4.52
N ASP B 180 -2.33 -24.10 5.33
CA ASP B 180 -1.65 -23.52 6.50
C ASP B 180 -0.18 -23.42 6.14
N PRO B 181 0.33 -22.20 5.90
CA PRO B 181 1.75 -22.06 5.54
C PRO B 181 2.78 -22.40 6.62
N SER B 182 2.33 -22.61 7.85
CA SER B 182 3.29 -22.97 8.90
C SER B 182 3.83 -24.36 8.60
N THR B 183 3.16 -25.09 7.71
CA THR B 183 3.58 -26.44 7.32
C THR B 183 4.88 -26.39 6.51
N LEU B 184 5.23 -25.21 6.03
CA LEU B 184 6.44 -25.04 5.23
C LEU B 184 7.67 -24.69 6.09
N LEU B 185 7.45 -24.33 7.34
CA LEU B 185 8.54 -23.97 8.24
C LEU B 185 9.33 -25.18 8.75
N PRO B 186 10.59 -24.97 9.14
CA PRO B 186 11.43 -26.06 9.65
C PRO B 186 10.93 -26.52 11.03
N SER B 187 11.34 -27.72 11.44
CA SER B 187 10.91 -28.28 12.73
C SER B 187 11.27 -27.36 13.90
N SER B 188 12.51 -26.90 13.93
CA SER B 188 12.98 -26.00 14.97
C SER B 188 12.81 -24.55 14.53
N LEU B 189 12.36 -23.69 15.44
CA LEU B 189 12.16 -22.29 15.11
C LEU B 189 13.16 -21.32 15.75
N ASP B 190 14.38 -21.77 16.01
CA ASP B 190 15.41 -20.88 16.56
C ASP B 190 15.57 -19.83 15.47
N PHE B 191 15.84 -18.58 15.83
CA PHE B 191 15.94 -17.54 14.82
C PHE B 191 16.89 -16.38 15.13
N TRP B 192 17.13 -15.57 14.10
CA TRP B 192 17.93 -14.35 14.19
C TRP B 192 16.92 -13.26 13.83
N THR B 193 17.11 -12.06 14.36
CA THR B 193 16.22 -10.95 14.03
C THR B 193 16.97 -9.62 13.92
N TYR B 194 16.51 -8.76 13.02
CA TYR B 194 17.13 -7.46 12.84
C TYR B 194 16.13 -6.55 12.13
N PRO B 195 16.28 -5.22 12.27
CA PRO B 195 15.39 -4.24 11.65
C PRO B 195 15.81 -4.00 10.19
N GLY B 196 14.86 -4.23 9.27
CA GLY B 196 15.18 -4.07 7.86
C GLY B 196 14.08 -3.47 7.01
N SER B 197 14.04 -3.89 5.75
CA SER B 197 13.08 -3.35 4.79
C SER B 197 12.51 -4.39 3.84
N LEU B 198 11.59 -3.93 2.99
CA LEU B 198 11.00 -4.76 1.95
C LEU B 198 12.20 -4.94 1.01
N THR B 199 12.32 -6.10 0.36
CA THR B 199 13.47 -6.32 -0.53
C THR B 199 13.30 -5.92 -1.99
N HIS B 200 12.18 -5.27 -2.30
CA HIS B 200 11.96 -4.74 -3.66
C HIS B 200 11.03 -3.54 -3.49
N PRO B 201 10.97 -2.64 -4.49
CA PRO B 201 10.12 -1.44 -4.42
C PRO B 201 8.77 -1.66 -3.74
N PRO B 202 8.32 -0.71 -2.90
CA PRO B 202 8.94 0.56 -2.51
C PRO B 202 10.11 0.54 -1.52
N LEU B 203 10.56 -0.64 -1.13
CA LEU B 203 11.70 -0.76 -0.24
C LEU B 203 11.56 -0.05 1.12
N TYR B 204 10.34 0.07 1.62
CA TYR B 204 10.10 0.73 2.91
C TYR B 204 10.88 0.04 4.04
N GLU B 205 11.48 0.85 4.92
CA GLU B 205 12.22 0.30 6.05
C GLU B 205 11.23 0.13 7.19
N SER B 206 10.31 -0.82 7.00
CA SER B 206 9.22 -1.10 7.92
C SER B 206 9.15 -2.57 8.37
N VAL B 207 10.17 -3.36 8.05
CA VAL B 207 10.15 -4.77 8.37
C VAL B 207 11.05 -5.26 9.50
N THR B 208 10.47 -6.04 10.41
CA THR B 208 11.23 -6.67 11.49
C THR B 208 11.43 -8.08 10.92
N TRP B 209 12.66 -8.42 10.58
CA TRP B 209 12.94 -9.73 10.02
C TRP B 209 13.18 -10.83 11.05
N ILE B 210 12.65 -12.01 10.73
CA ILE B 210 12.80 -13.20 11.55
C ILE B 210 13.38 -14.25 10.61
N ILE B 211 14.69 -14.51 10.72
CA ILE B 211 15.34 -15.47 9.85
C ILE B 211 15.57 -16.76 10.62
N CYS B 212 14.98 -17.87 10.17
CA CYS B 212 15.17 -19.12 10.90
C CYS B 212 16.58 -19.67 10.74
N LYS B 213 17.09 -20.26 11.81
CA LYS B 213 18.42 -20.84 11.81
C LYS B 213 18.48 -22.08 10.93
N GLU B 214 17.42 -22.89 10.95
CA GLU B 214 17.38 -24.12 10.18
C GLU B 214 16.74 -23.91 8.80
N SER B 215 17.26 -24.64 7.82
CA SER B 215 16.76 -24.54 6.45
C SER B 215 15.78 -25.67 6.15
N ILE B 216 15.16 -25.60 4.97
CA ILE B 216 14.25 -26.64 4.50
C ILE B 216 14.79 -27.05 3.14
N SER B 217 14.38 -28.21 2.64
CA SER B 217 14.90 -28.66 1.35
C SER B 217 14.04 -28.31 0.14
N VAL B 218 14.62 -28.52 -1.03
CA VAL B 218 13.96 -28.29 -2.31
C VAL B 218 14.81 -29.01 -3.35
N SER B 219 14.19 -29.65 -4.34
CA SER B 219 14.96 -30.37 -5.35
C SER B 219 15.28 -29.50 -6.56
N SER B 220 16.25 -29.96 -7.36
CA SER B 220 16.63 -29.23 -8.57
C SER B 220 15.43 -29.08 -9.49
N GLU B 221 14.60 -30.11 -9.57
CA GLU B 221 13.41 -30.07 -10.43
C GLU B 221 12.34 -29.13 -9.90
N GLN B 222 12.20 -29.03 -8.57
CA GLN B 222 11.21 -28.12 -8.03
C GLN B 222 11.63 -26.68 -8.32
N LEU B 223 12.93 -26.41 -8.23
CA LEU B 223 13.45 -25.09 -8.53
C LEU B 223 13.20 -24.76 -10.01
N ALA B 224 13.31 -25.77 -10.87
CA ALA B 224 13.08 -25.59 -12.30
C ALA B 224 11.64 -25.15 -12.55
N GLN B 225 10.71 -25.62 -11.71
CA GLN B 225 9.31 -25.24 -11.84
C GLN B 225 9.12 -23.76 -11.57
N PHE B 226 9.79 -23.22 -10.55
CA PHE B 226 9.69 -21.79 -10.26
C PHE B 226 10.19 -21.02 -11.48
N ARG B 227 11.34 -21.43 -12.00
CA ARG B 227 11.96 -20.76 -13.14
C ARG B 227 11.18 -20.87 -14.46
N SER B 228 10.23 -21.80 -14.52
CA SER B 228 9.44 -21.97 -15.74
C SER B 228 8.22 -21.06 -15.77
N LEU B 229 7.96 -20.35 -14.67
CA LEU B 229 6.84 -19.43 -14.66
C LEU B 229 7.21 -18.34 -15.67
N LEU B 230 6.22 -17.71 -16.29
CA LEU B 230 6.49 -16.69 -17.31
C LEU B 230 6.24 -15.25 -16.86
N SER B 231 7.18 -14.36 -17.19
CA SER B 231 7.07 -12.95 -16.82
C SER B 231 6.25 -12.09 -17.78
N ASN B 232 5.99 -12.62 -18.98
CA ASN B 232 5.21 -11.91 -20.01
C ASN B 232 3.71 -12.16 -19.88
N VAL B 233 2.91 -11.36 -20.58
CA VAL B 233 1.47 -11.52 -20.57
C VAL B 233 1.10 -12.56 -21.64
N GLU B 234 -0.03 -13.23 -21.44
CA GLU B 234 -0.48 -14.25 -22.39
C GLU B 234 -0.49 -13.77 -23.83
N GLY B 235 0.05 -14.60 -24.72
CA GLY B 235 0.09 -14.25 -26.13
C GLY B 235 1.46 -13.82 -26.61
N ASP B 236 2.20 -13.10 -25.77
CA ASP B 236 3.53 -12.65 -26.16
C ASP B 236 4.53 -13.80 -26.07
N ASN B 237 5.69 -13.62 -26.68
CA ASN B 237 6.72 -14.65 -26.65
C ASN B 237 7.06 -14.92 -25.19
N ALA B 238 7.20 -16.20 -24.85
CA ALA B 238 7.49 -16.60 -23.47
C ALA B 238 8.86 -16.15 -22.97
N VAL B 239 8.88 -15.60 -21.76
CA VAL B 239 10.11 -15.14 -21.13
C VAL B 239 10.12 -15.65 -19.69
N PRO B 240 10.82 -16.76 -19.45
CA PRO B 240 10.90 -17.37 -18.12
C PRO B 240 11.39 -16.46 -16.99
N MET B 241 10.87 -16.68 -15.79
CA MET B 241 11.25 -15.92 -14.59
C MET B 241 12.57 -16.52 -14.07
N GLN B 242 13.68 -16.10 -14.66
CA GLN B 242 15.00 -16.63 -14.30
C GLN B 242 15.51 -16.40 -12.88
N HIS B 243 15.32 -15.19 -12.35
CA HIS B 243 15.78 -14.88 -11.00
C HIS B 243 15.12 -13.63 -10.44
N ASN B 244 14.98 -13.59 -9.12
CA ASN B 244 14.33 -12.43 -8.49
C ASN B 244 14.84 -12.14 -7.08
N ASN B 245 16.14 -12.33 -6.84
CA ASN B 245 16.72 -12.07 -5.53
C ASN B 245 17.60 -10.82 -5.53
N ARG B 246 17.46 -10.00 -4.50
CA ARG B 246 18.25 -8.77 -4.37
C ARG B 246 19.56 -9.05 -3.64
N PRO B 247 20.66 -8.40 -4.05
CA PRO B 247 21.95 -8.63 -3.39
C PRO B 247 21.90 -8.15 -1.94
N THR B 248 22.76 -8.68 -1.08
CA THR B 248 22.79 -8.26 0.32
C THR B 248 23.27 -6.80 0.43
N GLN B 249 22.73 -6.09 1.42
CA GLN B 249 23.04 -4.69 1.64
C GLN B 249 23.85 -4.46 2.91
N PRO B 250 24.57 -3.32 2.99
CA PRO B 250 25.38 -3.02 4.17
C PRO B 250 24.58 -2.91 5.46
N LEU B 251 25.11 -3.52 6.52
CA LEU B 251 24.47 -3.52 7.82
C LEU B 251 24.41 -2.12 8.44
N LYS B 252 25.40 -1.30 8.10
CA LYS B 252 25.47 0.07 8.59
C LYS B 252 25.22 0.23 10.09
N GLY B 253 25.94 -0.56 10.89
CA GLY B 253 25.81 -0.47 12.33
C GLY B 253 24.73 -1.27 13.01
N ARG B 254 23.79 -1.81 12.24
CA ARG B 254 22.71 -2.60 12.84
C ARG B 254 23.22 -3.86 13.53
N THR B 255 22.45 -4.36 14.48
CA THR B 255 22.82 -5.56 15.21
C THR B 255 21.86 -6.70 14.91
N VAL B 256 22.40 -7.88 14.61
CA VAL B 256 21.57 -9.05 14.35
C VAL B 256 21.52 -9.83 15.66
N ARG B 257 20.33 -9.95 16.23
CA ARG B 257 20.16 -10.67 17.50
C ARG B 257 19.79 -12.14 17.31
N ALA B 258 20.22 -12.98 18.24
CA ALA B 258 19.94 -14.41 18.18
C ALA B 258 19.07 -14.87 19.35
N SER B 259 18.16 -15.80 19.08
CA SER B 259 17.28 -16.31 20.12
C SER B 259 17.90 -17.53 20.79
N PHE B 260 18.97 -18.03 20.17
CA PHE B 260 19.66 -19.23 20.64
C PHE B 260 21.14 -18.95 20.89
#